data_7W7Q
#
_entry.id   7W7Q
#
_cell.length_a   79.100
_cell.length_b   68.350
_cell.length_c   90.710
_cell.angle_alpha   90.000
_cell.angle_beta   108.450
_cell.angle_gamma   90.000
#
_symmetry.space_group_name_H-M   'C 1 2 1'
#
loop_
_entity.id
_entity.type
_entity.pdbx_description
1 polymer '1F11S antibody'
2 water water
#
_entity_poly.entity_id   1
_entity_poly.type   'polypeptide(L)'
_entity_poly.pdbx_seq_one_letter_code
;EVQLVESGGGLVQPGGSLRLSCAASGFTFSDYEMHWVRQAPGKGLEWVSGISSDGSDTDYADSVKGRFTISRDNSKNTLY
LQMNSLRAEDTAVYYCAKHQVLEEAYAFDLWGQGTLVTVSSGGGGSGGGGSGGGGSSIQMTQSPSSLSASVGDRVTITCR
ASQDISNWLNWYQQKPGKAPKLLIYAASRLQSGVPSRFSGSGSGTDFTLTISSLQPEDFATYYCQQSYSFPWTFGQGTKV
EIK
;
_entity_poly.pdbx_strand_id   A,B
#
# COMPACT_ATOMS: atom_id res chain seq x y z
N VAL A 2 1.30 15.59 -1.82
CA VAL A 2 1.11 15.49 -3.27
C VAL A 2 0.54 14.11 -3.64
N GLN A 3 -0.66 14.08 -4.24
CA GLN A 3 -1.27 12.80 -4.61
C GLN A 3 -2.40 13.04 -5.59
N LEU A 4 -2.83 11.95 -6.22
CA LEU A 4 -3.98 11.93 -7.10
C LEU A 4 -4.93 10.89 -6.56
N VAL A 5 -6.22 11.18 -6.55
CA VAL A 5 -7.19 10.26 -5.97
C VAL A 5 -8.32 10.06 -6.97
N GLU A 6 -8.41 8.86 -7.52
CA GLU A 6 -9.46 8.46 -8.44
C GLU A 6 -10.68 7.99 -7.68
N SER A 7 -11.84 8.23 -8.27
CA SER A 7 -13.10 7.78 -7.70
C SER A 7 -14.05 7.50 -8.86
N GLY A 8 -15.17 6.86 -8.55
CA GLY A 8 -16.18 6.63 -9.53
C GLY A 8 -16.24 5.24 -10.14
N GLY A 9 -15.32 4.34 -9.79
CA GLY A 9 -15.38 3.00 -10.37
C GLY A 9 -16.55 2.20 -9.81
N GLY A 10 -16.75 1.02 -10.37
CA GLY A 10 -17.79 0.13 -9.88
C GLY A 10 -18.20 -0.89 -10.92
N LEU A 11 -19.29 -1.58 -10.62
CA LEU A 11 -19.82 -2.59 -11.53
C LEU A 11 -20.90 -1.96 -12.40
N VAL A 12 -20.86 -2.29 -13.69
CA VAL A 12 -21.80 -1.72 -14.64
C VAL A 12 -22.13 -2.75 -15.71
N GLN A 13 -23.41 -2.76 -16.13
CA GLN A 13 -23.85 -3.63 -17.20
C GLN A 13 -23.24 -3.20 -18.54
N PRO A 14 -23.08 -4.12 -19.48
CA PRO A 14 -22.55 -3.74 -20.79
C PRO A 14 -23.42 -2.69 -21.46
N GLY A 15 -22.77 -1.71 -22.08
CA GLY A 15 -23.47 -0.57 -22.64
C GLY A 15 -23.78 0.50 -21.62
N GLY A 16 -23.38 0.30 -20.37
CA GLY A 16 -23.63 1.26 -19.32
C GLY A 16 -22.63 2.39 -19.31
N SER A 17 -22.85 3.30 -18.37
CA SER A 17 -22.04 4.50 -18.23
C SER A 17 -21.48 4.58 -16.82
N LEU A 18 -20.31 5.20 -16.71
CA LEU A 18 -19.71 5.60 -15.45
C LEU A 18 -18.97 6.91 -15.69
N ARG A 19 -18.75 7.65 -14.61
CA ARG A 19 -17.94 8.85 -14.68
C ARG A 19 -16.87 8.74 -13.62
N LEU A 20 -15.61 8.68 -14.05
CA LEU A 20 -14.49 8.71 -13.11
C LEU A 20 -14.05 10.14 -12.89
N SER A 21 -13.65 10.43 -11.65
CA SER A 21 -13.05 11.72 -11.38
C SER A 21 -11.70 11.49 -10.70
N CYS A 22 -10.75 12.37 -10.98
CA CYS A 22 -9.42 12.32 -10.41
C CYS A 22 -9.14 13.67 -9.74
N ALA A 23 -9.05 13.66 -8.42
CA ALA A 23 -8.84 14.84 -7.59
C ALA A 23 -7.35 15.00 -7.28
N ALA A 24 -6.78 16.15 -7.63
CA ALA A 24 -5.36 16.37 -7.47
C ALA A 24 -5.09 17.27 -6.27
N SER A 25 -3.98 17.02 -5.59
CA SER A 25 -3.68 17.82 -4.41
C SER A 25 -2.18 17.99 -4.24
N GLY A 26 -1.80 19.14 -3.66
CA GLY A 26 -0.42 19.44 -3.33
C GLY A 26 0.36 20.10 -4.43
N PHE A 27 -0.21 20.28 -5.62
CA PHE A 27 0.50 20.89 -6.72
C PHE A 27 -0.48 21.70 -7.56
N THR A 28 0.08 22.47 -8.49
CA THR A 28 -0.72 23.29 -9.38
C THR A 28 -1.20 22.43 -10.53
N PHE A 29 -2.31 21.74 -10.30
CA PHE A 29 -3.01 20.91 -11.27
C PHE A 29 -3.10 21.55 -12.65
N SER A 30 -3.40 22.86 -12.68
CA SER A 30 -3.63 23.55 -13.94
C SER A 30 -2.40 23.59 -14.83
N ASP A 31 -1.21 23.37 -14.26
CA ASP A 31 0.02 23.48 -15.02
C ASP A 31 0.38 22.24 -15.85
N TYR A 32 -0.33 21.13 -15.67
CA TYR A 32 0.13 19.84 -16.16
C TYR A 32 -0.89 19.17 -17.08
N GLU A 33 -0.34 18.56 -18.14
CA GLU A 33 -1.07 17.62 -18.96
C GLU A 33 -1.51 16.44 -18.10
N MET A 34 -2.74 15.98 -18.26
CA MET A 34 -3.20 14.85 -17.44
C MET A 34 -3.79 13.76 -18.32
N HIS A 35 -3.65 12.51 -17.83
CA HIS A 35 -3.95 11.33 -18.63
C HIS A 35 -4.63 10.26 -17.79
N TRP A 36 -5.36 9.40 -18.47
CA TRP A 36 -5.89 8.17 -17.90
C TRP A 36 -5.14 7.01 -18.52
N VAL A 37 -4.76 6.05 -17.69
CA VAL A 37 -4.06 4.84 -18.13
C VAL A 37 -4.72 3.64 -17.44
N ARG A 38 -4.96 2.57 -18.18
CA ARG A 38 -5.71 1.46 -17.61
C ARG A 38 -4.92 0.15 -17.68
N GLN A 39 -5.37 -0.82 -16.88
CA GLN A 39 -4.75 -2.15 -16.82
C GLN A 39 -5.86 -3.19 -16.67
N ALA A 40 -6.05 -4.00 -17.66
CA ALA A 40 -7.09 -5.03 -17.60
C ALA A 40 -6.57 -6.28 -16.90
N PRO A 41 -7.47 -7.16 -16.43
CA PRO A 41 -6.99 -8.39 -15.74
C PRO A 41 -5.92 -9.15 -16.50
N GLY A 42 -5.95 -9.14 -17.83
CA GLY A 42 -4.77 -9.51 -18.60
C GLY A 42 -3.99 -8.20 -18.66
N LYS A 43 -2.86 -8.09 -17.96
CA LYS A 43 -2.42 -6.74 -17.60
C LYS A 43 -1.65 -6.03 -18.70
N GLY A 44 -0.62 -5.31 -18.29
CA GLY A 44 -0.03 -4.32 -19.17
C GLY A 44 -0.81 -3.03 -19.04
N LEU A 45 -0.09 -1.94 -18.97
CA LEU A 45 -0.67 -0.63 -18.92
C LEU A 45 -1.07 -0.26 -20.34
N GLU A 46 -2.21 0.41 -20.46
CA GLU A 46 -2.73 0.89 -21.72
C GLU A 46 -3.16 2.35 -21.56
N TRP A 47 -2.48 3.23 -22.29
CA TRP A 47 -2.88 4.63 -22.32
C TRP A 47 -4.26 4.73 -22.93
N VAL A 48 -5.17 5.41 -22.24
CA VAL A 48 -6.57 5.56 -22.66
C VAL A 48 -6.82 6.91 -23.30
N SER A 49 -6.42 7.99 -22.63
CA SER A 49 -6.76 9.34 -23.04
C SER A 49 -5.90 10.36 -22.29
N GLY A 50 -5.69 11.53 -22.93
CA GLY A 50 -4.97 12.61 -22.29
C GLY A 50 -5.60 13.95 -22.63
N ILE A 51 -5.28 14.95 -21.82
CA ILE A 51 -5.82 16.30 -22.00
C ILE A 51 -4.77 17.33 -21.60
N SER A 52 -4.61 18.35 -22.44
CA SER A 52 -3.65 19.41 -22.19
C SER A 52 -3.96 20.13 -20.87
N SER A 53 -3.02 20.97 -20.44
CA SER A 53 -3.18 21.63 -19.14
C SER A 53 -4.41 22.53 -19.11
N ASP A 54 -4.68 23.28 -20.20
CA ASP A 54 -5.80 24.22 -20.19
C ASP A 54 -7.13 23.59 -20.58
N GLY A 55 -7.13 22.31 -20.97
CA GLY A 55 -8.32 21.58 -21.34
C GLY A 55 -8.76 21.71 -22.78
N SER A 56 -7.98 22.38 -23.62
CA SER A 56 -8.47 22.60 -24.97
C SER A 56 -8.17 21.42 -25.90
N ASP A 57 -7.09 20.68 -25.66
CA ASP A 57 -6.69 19.57 -26.54
C ASP A 57 -6.85 18.23 -25.82
N THR A 58 -7.52 17.29 -26.50
CA THR A 58 -7.83 15.97 -25.97
C THR A 58 -7.37 14.90 -26.96
N ASP A 59 -7.08 13.71 -26.41
CA ASP A 59 -6.64 12.57 -27.20
C ASP A 59 -7.19 11.29 -26.60
N TYR A 60 -7.43 10.30 -27.46
CA TYR A 60 -8.01 9.03 -27.03
C TYR A 60 -7.34 7.86 -27.73
N ALA A 61 -7.23 6.74 -27.01
CA ALA A 61 -6.88 5.49 -27.69
C ALA A 61 -8.00 5.10 -28.65
N ASP A 62 -7.62 4.44 -29.75
CA ASP A 62 -8.58 4.06 -30.77
C ASP A 62 -9.73 3.21 -30.21
N SER A 63 -9.44 2.37 -29.22
CA SER A 63 -10.41 1.42 -28.67
C SER A 63 -11.51 2.08 -27.86
N VAL A 64 -11.37 3.36 -27.52
CA VAL A 64 -12.33 4.08 -26.71
C VAL A 64 -12.86 5.33 -27.42
N LYS A 65 -12.42 5.59 -28.65
CA LYS A 65 -12.89 6.75 -29.40
C LYS A 65 -14.42 6.72 -29.53
N GLY A 66 -15.04 7.88 -29.37
CA GLY A 66 -16.47 8.01 -29.53
C GLY A 66 -17.28 7.52 -28.36
N ARG A 67 -16.65 6.90 -27.37
CA ARG A 67 -17.35 6.39 -26.20
C ARG A 67 -16.93 7.06 -24.91
N PHE A 68 -15.64 7.38 -24.77
CA PHE A 68 -15.09 8.05 -23.60
C PHE A 68 -14.88 9.51 -23.93
N THR A 69 -15.01 10.36 -22.92
CA THR A 69 -14.75 11.78 -23.05
C THR A 69 -13.98 12.24 -21.84
N ILE A 70 -12.82 12.85 -22.07
CA ILE A 70 -12.01 13.39 -20.97
C ILE A 70 -12.23 14.91 -20.88
N SER A 71 -12.24 15.43 -19.65
CA SER A 71 -12.40 16.86 -19.41
C SER A 71 -11.75 17.20 -18.07
N ARG A 72 -11.60 18.49 -17.80
CA ARG A 72 -11.01 18.91 -16.54
C ARG A 72 -11.62 20.23 -16.08
N ASP A 73 -11.69 20.38 -14.76
CA ASP A 73 -12.11 21.62 -14.10
C ASP A 73 -10.88 22.14 -13.38
N ASN A 74 -10.15 23.04 -14.02
CA ASN A 74 -8.92 23.55 -13.43
C ASN A 74 -9.19 24.38 -12.19
N SER A 75 -10.43 24.80 -11.96
CA SER A 75 -10.75 25.54 -10.74
C SER A 75 -10.98 24.63 -9.54
N LYS A 76 -11.28 23.35 -9.76
CA LYS A 76 -11.46 22.41 -8.66
C LYS A 76 -10.40 21.29 -8.66
N ASN A 77 -9.31 21.45 -9.41
CA ASN A 77 -8.23 20.45 -9.50
C ASN A 77 -8.77 19.06 -9.73
N THR A 78 -9.69 18.94 -10.68
CA THR A 78 -10.35 17.66 -10.93
C THR A 78 -10.33 17.34 -12.42
N LEU A 79 -9.83 16.13 -12.71
CA LEU A 79 -9.87 15.51 -14.02
C LEU A 79 -11.07 14.56 -14.10
N TYR A 80 -11.69 14.46 -15.29
CA TYR A 80 -12.84 13.57 -15.42
C TYR A 80 -12.66 12.59 -16.57
N LEU A 81 -13.34 11.45 -16.47
CA LEU A 81 -13.47 10.55 -17.61
C LEU A 81 -14.92 10.07 -17.66
N GLN A 82 -15.65 10.56 -18.66
CA GLN A 82 -16.99 10.05 -18.98
C GLN A 82 -16.83 8.81 -19.83
N MET A 83 -17.35 7.69 -19.35
CA MET A 83 -17.23 6.42 -20.04
C MET A 83 -18.63 5.99 -20.46
N ASN A 84 -18.94 6.14 -21.73
CA ASN A 84 -20.18 5.60 -22.26
C ASN A 84 -19.94 4.29 -23.00
N SER A 85 -21.05 3.55 -23.20
CA SER A 85 -21.10 2.31 -23.97
C SER A 85 -20.01 1.33 -23.57
N LEU A 86 -19.96 1.04 -22.27
CA LEU A 86 -18.90 0.24 -21.69
C LEU A 86 -18.96 -1.20 -22.18
N ARG A 87 -17.80 -1.80 -22.37
CA ARG A 87 -17.72 -3.16 -22.89
C ARG A 87 -16.97 -4.06 -21.90
N ALA A 88 -17.14 -5.39 -22.08
CA ALA A 88 -16.42 -6.32 -21.21
C ALA A 88 -14.93 -6.05 -21.22
N GLU A 89 -14.37 -5.73 -22.39
CA GLU A 89 -12.95 -5.42 -22.48
C GLU A 89 -12.56 -4.13 -21.75
N ASP A 90 -13.50 -3.29 -21.35
CA ASP A 90 -13.11 -2.11 -20.59
C ASP A 90 -12.90 -2.41 -19.12
N THR A 91 -13.20 -3.63 -18.69
CA THR A 91 -12.94 -4.04 -17.32
C THR A 91 -11.45 -3.87 -17.05
N ALA A 92 -11.11 -3.10 -16.02
CA ALA A 92 -9.72 -2.73 -15.76
C ALA A 92 -9.69 -1.91 -14.50
N VAL A 93 -8.48 -1.70 -13.99
CA VAL A 93 -8.19 -0.62 -13.05
C VAL A 93 -7.82 0.59 -13.88
N TYR A 94 -8.37 1.76 -13.52
CA TYR A 94 -8.13 2.99 -14.25
C TYR A 94 -7.27 3.91 -13.40
N TYR A 95 -6.17 4.36 -13.97
CA TYR A 95 -5.25 5.26 -13.30
C TYR A 95 -5.32 6.65 -13.90
N CYS A 96 -5.23 7.63 -13.03
CA CYS A 96 -4.99 9.01 -13.36
C CYS A 96 -3.50 9.33 -13.20
N ALA A 97 -2.92 10.04 -14.18
CA ALA A 97 -1.48 10.28 -14.16
C ALA A 97 -1.09 11.66 -14.68
N LYS A 98 -0.09 12.25 -14.05
CA LYS A 98 0.41 13.58 -14.42
C LYS A 98 1.63 13.46 -15.33
N HIS A 99 1.59 14.13 -16.48
CA HIS A 99 2.69 14.13 -17.43
C HIS A 99 3.65 15.26 -17.08
N GLN A 100 4.94 14.95 -16.93
CA GLN A 100 5.90 15.93 -16.47
C GLN A 100 7.10 16.01 -17.38
N VAL A 101 7.60 17.22 -17.60
CA VAL A 101 8.84 17.43 -18.33
C VAL A 101 9.96 17.42 -17.29
N LEU A 102 10.74 16.35 -17.30
CA LEU A 102 11.71 16.06 -16.26
C LEU A 102 13.07 16.14 -16.93
N GLU A 103 13.84 17.18 -16.60
CA GLU A 103 15.07 17.52 -17.32
C GLU A 103 14.64 17.75 -18.77
N GLU A 104 15.26 17.10 -19.75
CA GLU A 104 14.88 17.29 -21.14
C GLU A 104 13.97 16.19 -21.66
N ALA A 105 13.20 15.54 -20.77
CA ALA A 105 12.42 14.35 -21.12
C ALA A 105 11.05 14.38 -20.46
N TYR A 106 10.14 13.55 -20.98
CA TYR A 106 8.74 13.50 -20.56
C TYR A 106 8.49 12.15 -19.89
N ALA A 107 7.79 12.16 -18.75
CA ALA A 107 7.44 10.93 -18.05
C ALA A 107 6.15 11.17 -17.28
N PHE A 108 5.50 10.08 -16.88
CA PHE A 108 4.35 10.13 -15.98
C PHE A 108 4.90 10.03 -14.57
N ASP A 109 5.17 11.17 -13.92
CA ASP A 109 5.91 11.11 -12.65
C ASP A 109 4.99 11.09 -11.43
N LEU A 110 3.67 11.10 -11.62
CA LEU A 110 2.72 11.04 -10.50
C LEU A 110 1.51 10.25 -10.96
N TRP A 111 1.10 9.29 -10.14
CA TRP A 111 0.00 8.41 -10.46
C TRP A 111 -0.92 8.35 -9.27
N GLY A 112 -2.19 8.05 -9.54
CA GLY A 112 -3.12 7.73 -8.48
C GLY A 112 -3.16 6.24 -8.22
N GLN A 113 -3.87 5.88 -7.15
CA GLN A 113 -3.92 4.48 -6.72
C GLN A 113 -4.84 3.63 -7.59
N GLY A 114 -5.70 4.24 -8.39
CA GLY A 114 -6.52 3.54 -9.36
C GLY A 114 -7.90 3.22 -8.84
N THR A 115 -8.86 3.14 -9.77
CA THR A 115 -10.24 2.79 -9.45
C THR A 115 -10.71 1.69 -10.37
N LEU A 116 -11.51 0.77 -9.85
CA LEU A 116 -11.84 -0.47 -10.54
C LEU A 116 -13.14 -0.35 -11.31
N VAL A 117 -13.11 -0.71 -12.58
CA VAL A 117 -14.29 -0.73 -13.43
C VAL A 117 -14.55 -2.18 -13.85
N THR A 118 -15.71 -2.72 -13.47
CA THR A 118 -16.09 -4.07 -13.88
C THR A 118 -17.36 -4.01 -14.72
N VAL A 119 -17.32 -4.61 -15.90
CA VAL A 119 -18.47 -4.64 -16.81
C VAL A 119 -18.96 -6.09 -16.91
N SER A 120 -20.19 -6.35 -16.45
CA SER A 120 -20.85 -7.65 -16.57
C SER A 120 -22.35 -7.47 -16.33
N SER A 121 -23.11 -8.54 -16.55
CA SER A 121 -24.55 -8.48 -16.25
C SER A 121 -24.85 -8.89 -14.81
N ILE A 138 4.43 2.30 -32.16
CA ILE A 138 5.62 1.70 -31.57
C ILE A 138 5.30 0.65 -30.53
N GLN A 139 5.74 -0.58 -30.79
CA GLN A 139 5.55 -1.71 -29.88
C GLN A 139 6.75 -1.87 -28.96
N MET A 140 6.45 -2.13 -27.70
CA MET A 140 7.45 -2.35 -26.67
C MET A 140 7.39 -3.82 -26.28
N THR A 141 8.53 -4.51 -26.33
CA THR A 141 8.60 -5.91 -25.92
C THR A 141 9.55 -6.03 -24.74
N GLN A 142 9.06 -6.57 -23.64
CA GLN A 142 9.85 -6.82 -22.45
C GLN A 142 10.16 -8.30 -22.35
N SER A 143 11.32 -8.61 -21.75
CA SER A 143 11.76 -9.98 -21.49
C SER A 143 12.60 -9.93 -20.23
N PRO A 144 12.43 -10.88 -19.31
CA PRO A 144 11.40 -11.93 -19.43
C PRO A 144 10.01 -11.40 -19.07
N SER A 145 8.97 -12.17 -19.38
CA SER A 145 7.62 -11.75 -19.00
C SER A 145 7.36 -12.01 -17.52
N SER A 146 7.95 -13.05 -16.95
CA SER A 146 7.97 -13.24 -15.51
C SER A 146 9.23 -13.99 -15.14
N LEU A 147 9.64 -13.85 -13.88
CA LEU A 147 10.82 -14.53 -13.37
C LEU A 147 10.65 -14.72 -11.87
N SER A 148 11.21 -15.79 -11.34
CA SER A 148 11.22 -16.02 -9.91
C SER A 148 12.64 -15.88 -9.40
N ALA A 149 12.82 -15.16 -8.29
CA ALA A 149 14.14 -14.86 -7.75
C ALA A 149 14.06 -14.86 -6.23
N SER A 150 15.23 -14.70 -5.60
CA SER A 150 15.34 -14.59 -4.16
C SER A 150 15.93 -13.24 -3.78
N VAL A 151 15.82 -12.91 -2.50
CA VAL A 151 16.46 -11.73 -1.97
C VAL A 151 17.97 -11.84 -2.11
N GLY A 152 18.60 -10.75 -2.56
CA GLY A 152 20.02 -10.71 -2.82
C GLY A 152 20.40 -10.92 -4.26
N ASP A 153 19.48 -11.44 -5.07
CA ASP A 153 19.75 -11.75 -6.47
C ASP A 153 19.91 -10.50 -7.30
N ARG A 154 20.71 -10.61 -8.35
CA ARG A 154 20.75 -9.59 -9.40
C ARG A 154 19.70 -9.90 -10.45
N VAL A 155 18.87 -8.92 -10.77
CA VAL A 155 17.76 -9.07 -11.71
C VAL A 155 18.00 -8.16 -12.91
N THR A 156 17.93 -8.75 -14.11
CA THR A 156 18.12 -8.06 -15.37
C THR A 156 16.82 -8.15 -16.16
N ILE A 157 16.23 -7.00 -16.51
CA ILE A 157 15.01 -6.95 -17.30
C ILE A 157 15.30 -6.15 -18.56
N THR A 158 14.81 -6.64 -19.69
CA THR A 158 15.14 -6.08 -20.98
C THR A 158 13.88 -5.52 -21.64
N CYS A 159 14.07 -4.44 -22.38
CA CYS A 159 13.01 -3.84 -23.17
C CYS A 159 13.60 -3.65 -24.55
N ARG A 160 12.84 -4.00 -25.57
CA ARG A 160 13.27 -3.78 -26.95
C ARG A 160 12.20 -2.94 -27.63
N ALA A 161 12.63 -1.97 -28.41
CA ALA A 161 11.72 -1.04 -29.06
C ALA A 161 11.56 -1.41 -30.53
N SER A 162 10.35 -1.20 -31.05
CA SER A 162 10.08 -1.49 -32.46
C SER A 162 10.70 -0.47 -33.39
N GLN A 163 11.39 0.54 -32.87
CA GLN A 163 12.05 1.57 -33.67
C GLN A 163 13.10 2.21 -32.78
N ASP A 164 14.05 2.89 -33.40
CA ASP A 164 14.96 3.71 -32.61
C ASP A 164 14.15 4.78 -31.87
N ILE A 165 14.42 4.92 -30.57
CA ILE A 165 13.76 5.95 -29.77
C ILE A 165 14.78 6.68 -28.91
N SER A 166 16.06 6.58 -29.27
CA SER A 166 17.14 7.27 -28.54
C SER A 166 17.03 6.88 -27.06
N ASN A 167 17.09 7.83 -26.12
CA ASN A 167 16.97 7.50 -24.71
C ASN A 167 15.61 7.86 -24.15
N TRP A 168 14.59 7.86 -25.02
CA TRP A 168 13.23 8.30 -24.70
C TRP A 168 12.43 7.12 -24.17
N LEU A 169 12.76 6.72 -22.94
CA LEU A 169 12.28 5.45 -22.42
C LEU A 169 12.22 5.55 -20.90
N ASN A 170 11.08 5.19 -20.32
CA ASN A 170 10.93 5.22 -18.88
C ASN A 170 10.61 3.84 -18.33
N TRP A 171 10.85 3.68 -17.04
CA TRP A 171 10.58 2.44 -16.35
C TRP A 171 9.69 2.70 -15.15
N TYR A 172 8.65 1.92 -15.00
CA TYR A 172 7.74 2.02 -13.87
C TYR A 172 7.75 0.72 -13.07
N GLN A 173 7.52 0.86 -11.77
CA GLN A 173 7.36 -0.27 -10.86
C GLN A 173 5.92 -0.30 -10.37
N GLN A 174 5.31 -1.47 -10.39
CA GLN A 174 3.93 -1.64 -9.92
C GLN A 174 3.95 -2.77 -8.93
N LYS A 175 3.85 -2.44 -7.64
CA LYS A 175 3.79 -3.49 -6.64
C LYS A 175 2.42 -4.15 -6.64
N PRO A 176 2.33 -5.39 -6.17
CA PRO A 176 1.04 -6.10 -6.18
C PRO A 176 -0.03 -5.31 -5.45
N GLY A 177 -1.10 -4.99 -6.18
CA GLY A 177 -2.22 -4.23 -5.64
C GLY A 177 -1.94 -2.77 -5.39
N LYS A 178 -0.80 -2.26 -5.85
CA LYS A 178 -0.43 -0.87 -5.64
C LYS A 178 -0.41 -0.13 -6.97
N ALA A 179 -0.44 1.20 -6.85
CA ALA A 179 -0.29 2.06 -8.01
C ALA A 179 1.11 1.93 -8.60
N PRO A 180 1.26 2.01 -9.93
CA PRO A 180 2.60 2.15 -10.51
C PRO A 180 3.28 3.43 -10.03
N LYS A 181 4.63 3.42 -10.12
CA LYS A 181 5.55 4.42 -9.60
C LYS A 181 6.67 4.63 -10.62
N LEU A 182 7.10 5.87 -10.82
CA LEU A 182 8.18 6.13 -11.77
C LEU A 182 9.54 5.78 -11.18
N LEU A 183 10.27 4.89 -11.84
CA LEU A 183 11.59 4.48 -11.36
C LEU A 183 12.70 5.24 -12.08
N ILE A 184 12.74 5.14 -13.41
CA ILE A 184 13.78 5.75 -14.22
C ILE A 184 13.14 6.47 -15.39
N TYR A 185 13.66 7.65 -15.71
CA TYR A 185 13.29 8.33 -16.94
C TYR A 185 14.51 8.48 -17.81
N ALA A 186 14.27 8.76 -19.09
CA ALA A 186 15.34 9.01 -20.05
C ALA A 186 16.38 7.89 -20.04
N ALA A 187 15.88 6.66 -19.98
CA ALA A 187 16.69 5.45 -20.10
C ALA A 187 17.58 5.18 -18.89
N SER A 188 18.20 6.21 -18.32
CA SER A 188 19.19 5.99 -17.28
C SER A 188 19.07 6.88 -16.06
N ARG A 189 18.20 7.88 -16.06
CA ARG A 189 18.18 8.85 -14.96
C ARG A 189 17.25 8.33 -13.87
N LEU A 190 17.79 8.19 -12.66
CA LEU A 190 17.00 7.70 -11.53
C LEU A 190 16.08 8.79 -11.03
N GLN A 191 14.83 8.43 -10.76
CA GLN A 191 13.93 9.40 -10.15
C GLN A 191 14.28 9.57 -8.68
N SER A 192 13.96 10.74 -8.16
CA SER A 192 14.23 11.08 -6.77
C SER A 192 13.58 10.06 -5.83
N GLY A 193 14.39 9.50 -4.93
CA GLY A 193 13.91 8.61 -3.89
C GLY A 193 14.15 7.14 -4.17
N VAL A 194 14.25 6.75 -5.43
CA VAL A 194 14.51 5.34 -5.72
C VAL A 194 15.97 5.03 -5.40
N PRO A 195 16.27 3.90 -4.77
CA PRO A 195 17.62 3.64 -4.26
C PRO A 195 18.60 3.27 -5.37
N SER A 196 19.88 3.27 -5.01
CA SER A 196 20.95 3.06 -5.98
C SER A 196 20.96 1.69 -6.61
N ARG A 197 20.34 0.68 -5.98
CA ARG A 197 20.43 -0.65 -6.55
C ARG A 197 19.73 -0.72 -7.90
N PHE A 198 18.74 0.17 -8.13
CA PHE A 198 18.06 0.26 -9.41
C PHE A 198 18.91 1.04 -10.41
N SER A 199 19.00 0.55 -11.64
CA SER A 199 19.82 1.21 -12.63
C SER A 199 19.30 0.85 -14.01
N GLY A 200 19.31 1.84 -14.91
CA GLY A 200 18.90 1.63 -16.28
C GLY A 200 20.01 1.98 -17.23
N SER A 201 20.00 1.35 -18.39
CA SER A 201 21.02 1.60 -19.40
C SER A 201 20.40 1.33 -20.76
N GLY A 202 21.16 1.61 -21.80
CA GLY A 202 20.70 1.37 -23.14
C GLY A 202 20.30 2.66 -23.84
N SER A 203 20.36 2.60 -25.17
CA SER A 203 19.85 3.67 -26.01
C SER A 203 19.52 3.03 -27.36
N GLY A 204 18.65 3.68 -28.11
CA GLY A 204 18.26 3.16 -29.41
C GLY A 204 17.09 2.20 -29.32
N THR A 205 17.36 0.89 -29.28
CA THR A 205 16.26 -0.07 -29.32
C THR A 205 16.31 -1.16 -28.27
N ASP A 206 17.40 -1.31 -27.53
CA ASP A 206 17.44 -2.32 -26.48
C ASP A 206 17.86 -1.65 -25.17
N PHE A 207 17.06 -1.88 -24.14
CA PHE A 207 17.22 -1.19 -22.86
C PHE A 207 17.19 -2.21 -21.74
N THR A 208 17.86 -1.85 -20.64
CA THR A 208 17.95 -2.77 -19.52
C THR A 208 17.66 -2.06 -18.21
N LEU A 209 16.77 -2.64 -17.42
CA LEU A 209 16.59 -2.28 -16.03
C LEU A 209 17.24 -3.36 -15.20
N THR A 210 18.09 -2.95 -14.26
CA THR A 210 18.87 -3.88 -13.45
C THR A 210 18.65 -3.56 -11.99
N ILE A 211 18.34 -4.58 -11.20
CA ILE A 211 18.28 -4.47 -9.75
C ILE A 211 19.50 -5.20 -9.22
N SER A 212 20.44 -4.45 -8.65
CA SER A 212 21.74 -5.04 -8.32
C SER A 212 21.62 -6.06 -7.19
N SER A 213 20.70 -5.86 -6.25
CA SER A 213 20.46 -6.84 -5.19
C SER A 213 19.00 -6.71 -4.79
N LEU A 214 18.20 -7.70 -5.16
CA LEU A 214 16.76 -7.68 -4.92
C LEU A 214 16.46 -7.64 -3.43
N GLN A 215 15.59 -6.72 -3.03
CA GLN A 215 15.02 -6.61 -1.69
C GLN A 215 13.56 -7.06 -1.68
N PRO A 216 13.02 -7.42 -0.51
CA PRO A 216 11.63 -7.93 -0.48
C PRO A 216 10.59 -6.92 -1.00
N GLU A 217 10.80 -5.62 -0.81
CA GLU A 217 9.86 -4.66 -1.35
C GLU A 217 10.00 -4.47 -2.85
N ASP A 218 10.93 -5.16 -3.51
CA ASP A 218 11.14 -5.07 -4.94
C ASP A 218 10.34 -6.11 -5.72
N PHE A 219 9.63 -7.00 -5.04
CA PHE A 219 8.80 -7.96 -5.73
C PHE A 219 7.60 -7.22 -6.33
N ALA A 220 7.57 -7.10 -7.65
CA ALA A 220 6.64 -6.20 -8.31
C ALA A 220 6.65 -6.51 -9.81
N THR A 221 5.81 -5.80 -10.55
CA THR A 221 5.78 -5.85 -12.01
C THR A 221 6.38 -4.56 -12.57
N TYR A 222 7.25 -4.69 -13.57
CA TYR A 222 7.98 -3.55 -14.09
C TYR A 222 7.56 -3.32 -15.53
N TYR A 223 7.40 -2.04 -15.90
CA TYR A 223 6.93 -1.68 -17.23
C TYR A 223 7.91 -0.70 -17.85
N CYS A 224 8.26 -0.91 -19.11
CA CYS A 224 8.92 0.13 -19.87
C CYS A 224 7.87 0.90 -20.67
N GLN A 225 8.23 2.12 -21.06
CA GLN A 225 7.29 2.99 -21.77
C GLN A 225 8.09 3.93 -22.67
N GLN A 226 7.81 3.96 -23.97
CA GLN A 226 8.45 4.91 -24.85
C GLN A 226 7.77 6.28 -24.77
N SER A 227 8.59 7.32 -24.70
CA SER A 227 8.14 8.69 -24.67
C SER A 227 8.61 9.46 -25.89
N TYR A 228 8.81 8.77 -27.02
CA TYR A 228 9.39 9.35 -28.22
C TYR A 228 8.33 9.83 -29.22
N SER A 229 7.32 9.01 -29.51
CA SER A 229 6.25 9.41 -30.42
C SER A 229 4.90 9.03 -29.80
N PHE A 230 3.86 9.85 -30.08
CA PHE A 230 2.52 9.60 -29.57
C PHE A 230 1.81 8.61 -30.50
N PRO A 231 0.97 7.70 -29.96
CA PRO A 231 0.55 7.53 -28.56
C PRO A 231 1.57 6.81 -27.70
N TRP A 232 1.57 7.14 -26.41
CA TRP A 232 2.49 6.50 -25.47
C TRP A 232 2.13 5.04 -25.35
N THR A 233 3.14 4.16 -25.46
CA THR A 233 2.93 2.73 -25.41
C THR A 233 3.84 2.13 -24.35
N PHE A 234 3.34 1.08 -23.70
CA PHE A 234 4.04 0.43 -22.61
C PHE A 234 4.44 -0.98 -23.04
N GLY A 235 5.45 -1.52 -22.37
CA GLY A 235 5.70 -2.94 -22.50
C GLY A 235 4.64 -3.72 -21.75
N GLN A 236 4.57 -5.03 -22.03
CA GLN A 236 3.55 -5.88 -21.45
C GLN A 236 3.76 -6.10 -19.95
N GLY A 237 4.93 -5.77 -19.43
CA GLY A 237 5.22 -5.96 -18.03
C GLY A 237 6.11 -7.18 -17.80
N THR A 238 6.94 -7.10 -16.74
CA THR A 238 7.81 -8.19 -16.30
C THR A 238 7.49 -8.42 -14.83
N LYS A 239 6.94 -9.59 -14.51
CA LYS A 239 6.58 -9.96 -13.14
C LYS A 239 7.78 -10.58 -12.42
N VAL A 240 8.11 -10.03 -11.27
CA VAL A 240 9.20 -10.51 -10.41
C VAL A 240 8.54 -11.24 -9.23
N GLU A 241 8.50 -12.56 -9.29
CA GLU A 241 7.85 -13.36 -8.28
C GLU A 241 8.86 -13.97 -7.30
N ILE A 242 8.34 -14.42 -6.16
CA ILE A 242 9.15 -14.99 -5.09
C ILE A 242 9.26 -16.50 -5.30
N LYS A 243 10.32 -17.09 -4.71
CA LYS A 243 10.65 -18.53 -4.66
C LYS A 243 11.66 -18.89 -5.74
N GLU B 1 -14.56 -1.27 31.63
CA GLU B 1 -15.43 -0.44 30.79
C GLU B 1 -14.62 0.59 30.01
N VAL B 2 -13.31 0.43 29.99
CA VAL B 2 -12.44 1.10 29.03
C VAL B 2 -12.29 0.16 27.85
N GLN B 3 -12.74 0.58 26.66
CA GLN B 3 -12.73 -0.33 25.53
C GLN B 3 -12.92 0.39 24.21
N LEU B 4 -12.55 -0.32 23.15
CA LEU B 4 -12.80 0.04 21.76
C LEU B 4 -13.51 -1.14 21.11
N VAL B 5 -14.53 -0.86 20.29
CA VAL B 5 -15.32 -1.89 19.62
C VAL B 5 -15.46 -1.53 18.15
N GLU B 6 -14.85 -2.32 17.28
CA GLU B 6 -14.94 -2.17 15.83
C GLU B 6 -16.18 -2.90 15.30
N SER B 7 -16.77 -2.33 14.24
CA SER B 7 -17.88 -2.96 13.53
C SER B 7 -17.76 -2.57 12.06
N GLY B 8 -18.58 -3.16 11.22
CA GLY B 8 -18.65 -2.75 9.82
C GLY B 8 -17.97 -3.65 8.81
N GLY B 9 -17.32 -4.73 9.25
CA GLY B 9 -16.67 -5.65 8.35
C GLY B 9 -17.66 -6.54 7.58
N GLY B 10 -17.09 -7.38 6.74
CA GLY B 10 -17.87 -8.33 5.96
C GLY B 10 -17.11 -8.74 4.72
N LEU B 11 -17.79 -9.47 3.85
CA LEU B 11 -17.24 -9.95 2.59
C LEU B 11 -17.70 -9.04 1.44
N VAL B 12 -16.77 -8.71 0.54
CA VAL B 12 -17.06 -7.83 -0.58
C VAL B 12 -16.28 -8.27 -1.80
N GLN B 13 -16.88 -8.08 -2.97
CA GLN B 13 -16.17 -8.28 -4.21
C GLN B 13 -15.06 -7.22 -4.35
N PRO B 14 -14.03 -7.52 -5.12
CA PRO B 14 -12.99 -6.51 -5.38
C PRO B 14 -13.59 -5.25 -5.98
N GLY B 15 -13.07 -4.09 -5.56
CA GLY B 15 -13.59 -2.80 -5.98
C GLY B 15 -14.78 -2.27 -5.22
N GLY B 16 -15.26 -2.99 -4.21
CA GLY B 16 -16.37 -2.54 -3.40
C GLY B 16 -15.90 -1.65 -2.27
N SER B 17 -16.85 -1.19 -1.48
CA SER B 17 -16.55 -0.33 -0.35
C SER B 17 -17.16 -0.88 0.93
N LEU B 18 -16.55 -0.50 2.05
CA LEU B 18 -17.07 -0.69 3.39
C LEU B 18 -16.65 0.50 4.23
N ARG B 19 -17.40 0.70 5.31
CA ARG B 19 -17.10 1.72 6.30
C ARG B 19 -17.01 1.05 7.66
N LEU B 20 -15.82 1.03 8.23
CA LEU B 20 -15.63 0.47 9.55
C LEU B 20 -15.85 1.56 10.58
N SER B 21 -16.39 1.17 11.72
CA SER B 21 -16.59 2.08 12.84
C SER B 21 -15.94 1.50 14.07
N CYS B 22 -15.40 2.39 14.90
CA CYS B 22 -14.79 1.98 16.15
C CYS B 22 -15.38 2.87 17.25
N ALA B 23 -16.14 2.25 18.16
CA ALA B 23 -16.83 2.94 19.24
C ALA B 23 -16.00 2.92 20.50
N ALA B 24 -15.70 4.10 21.05
CA ALA B 24 -14.85 4.24 22.23
C ALA B 24 -15.68 4.57 23.46
N SER B 25 -15.26 4.05 24.60
CA SER B 25 -15.92 4.34 25.88
C SER B 25 -14.94 4.18 27.02
N GLY B 26 -15.18 4.94 28.09
CA GLY B 26 -14.40 4.85 29.31
C GLY B 26 -13.21 5.78 29.40
N PHE B 27 -12.89 6.55 28.36
CA PHE B 27 -11.77 7.48 28.39
C PHE B 27 -12.10 8.67 27.50
N THR B 28 -11.26 9.70 27.56
CA THR B 28 -11.50 10.92 26.78
C THR B 28 -10.95 10.73 25.37
N PHE B 29 -11.76 10.08 24.54
CA PHE B 29 -11.49 9.83 23.13
C PHE B 29 -10.92 11.05 22.40
N SER B 30 -11.50 12.24 22.66
CA SER B 30 -11.12 13.45 21.92
C SER B 30 -9.68 13.85 22.16
N ASP B 31 -9.09 13.43 23.27
CA ASP B 31 -7.73 13.80 23.62
C ASP B 31 -6.67 12.95 22.93
N TYR B 32 -7.01 11.86 22.24
CA TYR B 32 -5.99 10.91 21.83
C TYR B 32 -5.93 10.76 20.32
N GLU B 33 -4.71 10.69 19.82
CA GLU B 33 -4.45 10.21 18.47
C GLU B 33 -5.00 8.78 18.36
N MET B 34 -5.70 8.49 17.27
CA MET B 34 -6.32 7.18 17.07
C MET B 34 -5.87 6.57 15.76
N HIS B 35 -5.81 5.23 15.71
CA HIS B 35 -5.19 4.51 14.61
C HIS B 35 -6.03 3.32 14.20
N TRP B 36 -5.87 2.91 12.95
CA TRP B 36 -6.29 1.58 12.48
C TRP B 36 -5.06 0.73 12.20
N VAL B 37 -5.10 -0.54 12.66
CA VAL B 37 -4.03 -1.52 12.42
C VAL B 37 -4.69 -2.83 11.98
N ARG B 38 -4.15 -3.44 10.93
CA ARG B 38 -4.77 -4.61 10.31
C ARG B 38 -3.82 -5.80 10.34
N GLN B 39 -4.40 -7.01 10.20
CA GLN B 39 -3.63 -8.26 10.25
C GLN B 39 -4.13 -9.29 9.24
N ALA B 40 -3.30 -9.61 8.26
CA ALA B 40 -3.49 -10.70 7.33
C ALA B 40 -2.67 -11.91 7.76
N PRO B 41 -3.02 -13.12 7.30
CA PRO B 41 -2.20 -14.30 7.64
C PRO B 41 -0.74 -14.20 7.26
N GLY B 42 -0.38 -13.47 6.21
CA GLY B 42 1.02 -13.35 5.85
C GLY B 42 1.85 -12.32 6.58
N LYS B 43 1.27 -11.14 6.79
CA LYS B 43 2.04 -9.94 7.10
C LYS B 43 2.28 -9.72 8.59
N GLY B 44 1.53 -10.38 9.47
CA GLY B 44 1.56 -9.96 10.85
C GLY B 44 0.65 -8.74 11.00
N LEU B 45 1.05 -7.82 11.87
CA LEU B 45 0.38 -6.54 12.06
C LEU B 45 0.91 -5.51 11.07
N GLU B 46 0.01 -4.68 10.53
CA GLU B 46 0.40 -3.59 9.63
C GLU B 46 -0.42 -2.36 9.99
N TRP B 47 0.26 -1.28 10.41
CA TRP B 47 -0.40 0.02 10.64
C TRP B 47 -0.97 0.57 9.33
N VAL B 48 -2.25 0.98 9.37
CA VAL B 48 -2.99 1.41 8.18
C VAL B 48 -3.17 2.94 8.12
N SER B 49 -3.57 3.54 9.23
CA SER B 49 -3.97 4.95 9.20
C SER B 49 -4.02 5.48 10.62
N GLY B 50 -3.73 6.80 10.74
CA GLY B 50 -3.85 7.48 12.01
C GLY B 50 -4.43 8.87 11.83
N ILE B 51 -4.99 9.40 12.91
CA ILE B 51 -5.65 10.70 12.83
C ILE B 51 -5.44 11.43 14.15
N SER B 52 -5.08 12.71 14.06
CA SER B 52 -4.80 13.49 15.26
C SER B 52 -6.04 13.56 16.15
N SER B 53 -5.82 14.05 17.37
CA SER B 53 -6.92 14.10 18.33
C SER B 53 -8.09 14.96 17.82
N ASP B 54 -7.79 16.10 17.20
CA ASP B 54 -8.88 17.01 16.79
C ASP B 54 -9.48 16.63 15.44
N GLY B 55 -8.98 15.56 14.80
CA GLY B 55 -9.51 15.08 13.55
C GLY B 55 -8.99 15.79 12.32
N SER B 56 -8.08 16.75 12.48
CA SER B 56 -7.61 17.55 11.36
C SER B 56 -6.41 16.97 10.62
N ASP B 57 -5.53 16.22 11.29
CA ASP B 57 -4.33 15.66 10.66
C ASP B 57 -4.46 14.14 10.55
N THR B 58 -4.22 13.62 9.35
CA THR B 58 -4.37 12.19 9.06
C THR B 58 -3.13 11.65 8.35
N ASP B 59 -2.93 10.35 8.49
CA ASP B 59 -1.77 9.68 7.89
C ASP B 59 -2.21 8.32 7.38
N TYR B 60 -1.57 7.86 6.29
CA TYR B 60 -1.93 6.59 5.67
C TYR B 60 -0.68 5.81 5.25
N ALA B 61 -0.76 4.49 5.37
CA ALA B 61 0.28 3.65 4.79
C ALA B 61 0.28 3.76 3.27
N ASP B 62 1.46 3.61 2.67
CA ASP B 62 1.58 3.66 1.21
C ASP B 62 0.61 2.72 0.51
N SER B 63 0.34 1.56 1.09
CA SER B 63 -0.53 0.56 0.45
C SER B 63 -1.98 0.98 0.38
N VAL B 64 -2.41 2.00 1.14
CA VAL B 64 -3.80 2.41 1.15
C VAL B 64 -4.03 3.91 0.91
N LYS B 65 -2.98 4.76 0.74
CA LYS B 65 -3.26 6.18 0.45
C LYS B 65 -4.29 6.31 -0.65
N GLY B 66 -5.21 7.29 -0.55
CA GLY B 66 -6.13 7.57 -1.64
C GLY B 66 -7.28 6.62 -1.82
N ARG B 67 -7.29 5.49 -1.12
CA ARG B 67 -8.40 4.54 -1.15
C ARG B 67 -9.11 4.51 0.17
N PHE B 68 -8.36 4.63 1.26
CA PHE B 68 -8.90 4.67 2.61
C PHE B 68 -8.91 6.12 3.10
N THR B 69 -9.93 6.45 3.88
CA THR B 69 -10.08 7.74 4.52
C THR B 69 -10.45 7.51 5.97
N ILE B 70 -9.66 8.03 6.85
CA ILE B 70 -9.93 7.96 8.28
C ILE B 70 -10.58 9.27 8.67
N SER B 71 -11.51 9.23 9.62
CA SER B 71 -12.13 10.42 10.18
C SER B 71 -12.60 10.06 11.58
N ARG B 72 -13.08 11.07 12.33
CA ARG B 72 -13.57 10.79 13.67
C ARG B 72 -14.70 11.75 13.98
N ASP B 73 -15.63 11.28 14.79
CA ASP B 73 -16.70 12.14 15.31
C ASP B 73 -16.45 12.19 16.81
N ASN B 74 -15.78 13.26 17.26
CA ASN B 74 -15.44 13.34 18.67
C ASN B 74 -16.64 13.53 19.57
N SER B 75 -17.81 13.90 19.01
CA SER B 75 -19.02 14.02 19.80
C SER B 75 -19.71 12.68 20.04
N LYS B 76 -19.49 11.69 19.18
CA LYS B 76 -19.99 10.34 19.38
C LYS B 76 -18.88 9.34 19.69
N ASN B 77 -17.69 9.82 20.06
CA ASN B 77 -16.57 8.97 20.45
C ASN B 77 -16.33 7.84 19.46
N THR B 78 -16.30 8.18 18.17
CA THR B 78 -16.29 7.15 17.14
C THR B 78 -15.23 7.44 16.10
N LEU B 79 -14.40 6.44 15.80
CA LEU B 79 -13.45 6.50 14.71
C LEU B 79 -14.04 5.78 13.49
N TYR B 80 -13.73 6.27 12.30
CA TYR B 80 -14.22 5.66 11.07
C TYR B 80 -13.07 5.32 10.13
N LEU B 81 -13.32 4.33 9.26
CA LEU B 81 -12.42 4.06 8.14
C LEU B 81 -13.28 3.76 6.93
N GLN B 82 -13.28 4.68 5.96
CA GLN B 82 -13.96 4.45 4.69
C GLN B 82 -12.99 3.76 3.75
N MET B 83 -13.38 2.58 3.26
CA MET B 83 -12.53 1.77 2.39
C MET B 83 -13.18 1.71 1.02
N ASN B 84 -12.66 2.48 0.08
CA ASN B 84 -13.09 2.41 -1.31
C ASN B 84 -12.12 1.55 -2.11
N SER B 85 -12.62 1.11 -3.26
CA SER B 85 -11.83 0.43 -4.27
C SER B 85 -11.03 -0.71 -3.64
N LEU B 86 -11.75 -1.56 -2.90
CA LEU B 86 -11.14 -2.63 -2.10
C LEU B 86 -10.45 -3.67 -2.98
N ARG B 87 -9.33 -4.22 -2.46
CA ARG B 87 -8.49 -5.20 -3.14
C ARG B 87 -8.47 -6.50 -2.34
N ALA B 88 -8.12 -7.60 -3.03
CA ALA B 88 -7.93 -8.86 -2.31
C ALA B 88 -6.89 -8.71 -1.20
N GLU B 89 -5.84 -7.95 -1.47
CA GLU B 89 -4.77 -7.73 -0.50
C GLU B 89 -5.24 -6.99 0.75
N ASP B 90 -6.44 -6.40 0.74
CA ASP B 90 -6.96 -5.77 1.94
C ASP B 90 -7.65 -6.75 2.89
N THR B 91 -7.79 -8.02 2.50
CA THR B 91 -8.34 -9.02 3.40
C THR B 91 -7.52 -9.08 4.68
N ALA B 92 -8.18 -8.85 5.81
CA ALA B 92 -7.50 -8.78 7.09
C ALA B 92 -8.54 -8.63 8.18
N VAL B 93 -8.12 -8.84 9.40
CA VAL B 93 -8.84 -8.31 10.55
C VAL B 93 -8.35 -6.89 10.80
N TYR B 94 -9.29 -5.99 11.06
CA TYR B 94 -8.98 -4.60 11.26
C TYR B 94 -9.22 -4.23 12.71
N TYR B 95 -8.20 -3.68 13.34
CA TYR B 95 -8.27 -3.19 14.71
C TYR B 95 -8.21 -1.68 14.72
N CYS B 96 -8.93 -1.06 15.65
CA CYS B 96 -8.68 0.33 16.00
C CYS B 96 -7.92 0.35 17.32
N ALA B 97 -6.96 1.27 17.45
CA ALA B 97 -6.09 1.31 18.61
C ALA B 97 -5.80 2.77 18.99
N LYS B 98 -5.66 2.99 20.30
CA LYS B 98 -5.35 4.29 20.88
C LYS B 98 -3.85 4.43 21.14
N HIS B 99 -3.26 5.53 20.68
CA HIS B 99 -1.83 5.77 20.86
C HIS B 99 -1.59 6.47 22.20
N GLN B 100 -0.65 5.95 22.98
CA GLN B 100 -0.40 6.42 24.33
C GLN B 100 1.07 6.75 24.54
N VAL B 101 1.35 7.85 25.24
CA VAL B 101 2.73 8.16 25.60
C VAL B 101 3.02 7.63 27.02
N GLU B 104 7.36 9.44 28.24
CA GLU B 104 8.42 8.48 28.48
C GLU B 104 8.61 7.58 27.27
N ALA B 105 7.53 6.89 26.87
CA ALA B 105 7.55 5.94 25.77
C ALA B 105 6.27 6.09 24.97
N TYR B 106 6.26 5.56 23.75
CA TYR B 106 5.08 5.60 22.89
C TYR B 106 4.64 4.18 22.57
N ALA B 107 3.35 3.88 22.75
CA ALA B 107 2.83 2.54 22.49
C ALA B 107 1.34 2.57 22.22
N PHE B 108 0.85 1.46 21.65
CA PHE B 108 -0.58 1.25 21.45
C PHE B 108 -1.15 0.50 22.65
N ASP B 109 -1.64 1.23 23.66
CA ASP B 109 -2.00 0.58 24.92
C ASP B 109 -3.47 0.14 24.99
N LEU B 110 -4.25 0.35 23.95
CA LEU B 110 -5.65 -0.07 23.94
C LEU B 110 -6.03 -0.43 22.52
N TRP B 111 -6.66 -1.60 22.38
CA TRP B 111 -7.09 -2.13 21.09
C TRP B 111 -8.51 -2.61 21.22
N GLY B 112 -9.21 -2.71 20.08
CA GLY B 112 -10.47 -3.41 20.03
C GLY B 112 -10.31 -4.88 19.66
N GLN B 113 -11.42 -5.61 19.70
CA GLN B 113 -11.41 -7.03 19.39
C GLN B 113 -11.31 -7.30 17.90
N GLY B 114 -11.51 -6.29 17.07
CA GLY B 114 -11.28 -6.44 15.65
C GLY B 114 -12.51 -6.84 14.89
N THR B 115 -12.56 -6.42 13.62
CA THR B 115 -13.63 -6.76 12.70
C THR B 115 -13.04 -7.24 11.39
N LEU B 116 -13.63 -8.31 10.83
CA LEU B 116 -13.00 -9.05 9.74
C LEU B 116 -13.53 -8.55 8.39
N VAL B 117 -12.61 -8.27 7.48
CA VAL B 117 -12.91 -7.84 6.11
C VAL B 117 -12.32 -8.87 5.17
N THR B 118 -13.17 -9.49 4.36
CA THR B 118 -12.75 -10.40 3.31
C THR B 118 -13.13 -9.79 1.97
N VAL B 119 -12.17 -9.76 1.05
CA VAL B 119 -12.41 -9.23 -0.28
C VAL B 119 -12.24 -10.38 -1.25
N SER B 120 -13.33 -10.74 -1.94
CA SER B 120 -13.31 -11.81 -2.93
C SER B 120 -14.51 -11.74 -3.87
N SER B 137 12.12 3.26 6.18
CA SER B 137 11.17 2.18 6.44
C SER B 137 11.82 1.07 7.27
N ILE B 138 11.63 1.12 8.59
CA ILE B 138 12.30 0.20 9.51
C ILE B 138 11.60 -1.15 9.49
N GLN B 139 12.32 -2.19 9.06
CA GLN B 139 11.78 -3.55 9.02
C GLN B 139 12.12 -4.30 10.30
N MET B 140 11.14 -5.03 10.82
CA MET B 140 11.30 -5.87 12.01
C MET B 140 11.15 -7.33 11.62
N THR B 141 12.10 -8.16 12.03
CA THR B 141 12.03 -9.60 11.77
C THR B 141 11.96 -10.37 13.09
N GLN B 142 10.94 -11.21 13.23
CA GLN B 142 10.71 -12.03 14.41
C GLN B 142 11.08 -13.47 14.12
N SER B 143 11.55 -14.19 15.16
CA SER B 143 11.92 -15.61 15.05
C SER B 143 11.71 -16.30 16.39
N PRO B 144 11.10 -17.50 16.41
CA PRO B 144 10.51 -18.15 15.25
C PRO B 144 9.15 -17.57 14.85
N SER B 145 8.67 -17.98 13.66
CA SER B 145 7.36 -17.56 13.20
C SER B 145 6.25 -18.35 13.88
N SER B 146 6.51 -19.62 14.16
CA SER B 146 5.64 -20.42 15.00
C SER B 146 6.49 -21.45 15.73
N LEU B 147 6.00 -21.89 16.88
CA LEU B 147 6.70 -22.86 17.69
C LEU B 147 5.69 -23.61 18.53
N SER B 148 5.98 -24.88 18.82
CA SER B 148 5.14 -25.69 19.68
C SER B 148 5.84 -25.91 21.01
N ALA B 149 5.08 -25.76 22.10
CA ALA B 149 5.66 -25.88 23.43
C ALA B 149 4.64 -26.52 24.35
N SER B 150 5.07 -26.81 25.57
CA SER B 150 4.21 -27.33 26.63
C SER B 150 4.16 -26.33 27.78
N VAL B 151 3.16 -26.50 28.65
CA VAL B 151 3.08 -25.70 29.86
C VAL B 151 4.30 -26.01 30.73
N GLY B 152 4.92 -24.96 31.26
CA GLY B 152 6.14 -25.08 32.03
C GLY B 152 7.40 -24.78 31.24
N ASP B 153 7.31 -24.81 29.91
CA ASP B 153 8.46 -24.56 29.06
C ASP B 153 8.90 -23.10 29.14
N ARG B 154 10.18 -22.89 28.91
CA ARG B 154 10.73 -21.57 28.66
C ARG B 154 10.60 -21.28 27.17
N VAL B 155 10.04 -20.12 26.84
CA VAL B 155 9.83 -19.72 25.46
C VAL B 155 10.65 -18.47 25.21
N THR B 156 11.48 -18.50 24.17
CA THR B 156 12.32 -17.37 23.80
C THR B 156 11.93 -16.90 22.41
N ILE B 157 11.56 -15.63 22.29
CA ILE B 157 11.14 -15.04 21.03
C ILE B 157 12.11 -13.91 20.71
N THR B 158 12.52 -13.83 19.46
CA THR B 158 13.57 -12.90 19.05
C THR B 158 13.03 -11.87 18.08
N CYS B 159 13.52 -10.63 18.20
CA CYS B 159 13.15 -9.60 17.24
C CYS B 159 14.43 -8.85 16.85
N ARG B 160 14.59 -8.61 15.56
CA ARG B 160 15.71 -7.83 15.05
C ARG B 160 15.21 -6.61 14.27
N ALA B 161 15.85 -5.48 14.47
CA ALA B 161 15.48 -4.26 13.77
C ALA B 161 16.48 -3.99 12.67
N SER B 162 15.98 -3.41 11.57
CA SER B 162 16.87 -3.03 10.47
C SER B 162 17.72 -1.82 10.79
N GLN B 163 17.59 -1.27 12.00
CA GLN B 163 18.34 -0.10 12.43
C GLN B 163 18.42 -0.13 13.94
N ASP B 164 19.41 0.58 14.48
CA ASP B 164 19.43 0.85 15.91
C ASP B 164 18.19 1.62 16.29
N ILE B 165 17.49 1.16 17.34
CA ILE B 165 16.32 1.89 17.80
C ILE B 165 16.38 2.00 19.32
N SER B 166 17.57 1.79 19.89
CA SER B 166 17.82 1.90 21.33
C SER B 166 16.79 0.99 22.01
N ASN B 167 16.02 1.47 22.98
CA ASN B 167 15.01 0.63 23.62
C ASN B 167 13.58 1.00 23.18
N TRP B 168 13.42 1.57 21.98
CA TRP B 168 12.10 2.03 21.50
C TRP B 168 11.38 0.88 20.80
N LEU B 169 10.91 -0.06 21.61
CA LEU B 169 10.43 -1.34 21.11
C LEU B 169 9.41 -1.91 22.08
N ASN B 170 8.23 -2.28 21.58
CA ASN B 170 7.17 -2.87 22.39
C ASN B 170 6.77 -4.27 21.90
N TRP B 171 6.13 -5.02 22.79
CA TRP B 171 5.65 -6.37 22.52
C TRP B 171 4.16 -6.48 22.82
N TYR B 172 3.41 -7.10 21.91
CA TYR B 172 1.97 -7.33 22.08
C TYR B 172 1.67 -8.82 22.09
N GLN B 173 0.59 -9.18 22.80
CA GLN B 173 0.01 -10.53 22.85
C GLN B 173 -1.37 -10.52 22.20
N GLN B 174 -1.63 -11.50 21.32
CA GLN B 174 -2.93 -11.61 20.66
C GLN B 174 -3.46 -13.04 20.64
N LYS B 175 -4.48 -13.31 21.47
CA LYS B 175 -5.26 -14.55 21.43
C LYS B 175 -6.26 -14.52 20.29
N PRO B 176 -6.73 -15.68 19.83
CA PRO B 176 -7.78 -15.72 18.80
C PRO B 176 -9.07 -15.02 19.25
N GLY B 177 -9.51 -14.04 18.45
CA GLY B 177 -10.76 -13.33 18.70
C GLY B 177 -10.80 -12.37 19.87
N LYS B 178 -9.67 -12.06 20.48
CA LYS B 178 -9.60 -11.14 21.61
C LYS B 178 -8.84 -9.89 21.18
N ALA B 179 -9.06 -8.80 21.90
CA ALA B 179 -8.30 -7.59 21.59
C ALA B 179 -6.82 -7.83 21.86
N PRO B 180 -5.94 -7.36 20.97
CA PRO B 180 -4.51 -7.43 21.25
C PRO B 180 -4.19 -6.68 22.53
N LYS B 181 -3.08 -7.05 23.16
CA LYS B 181 -2.74 -6.54 24.47
C LYS B 181 -1.27 -6.14 24.53
N LEU B 182 -1.02 -4.97 25.12
CA LEU B 182 0.34 -4.48 25.30
C LEU B 182 0.96 -5.16 26.51
N LEU B 183 2.10 -5.85 26.30
CA LEU B 183 2.77 -6.56 27.38
C LEU B 183 3.94 -5.78 27.95
N ILE B 184 4.89 -5.42 27.09
CA ILE B 184 6.12 -4.73 27.47
C ILE B 184 6.32 -3.55 26.52
N TYR B 185 6.72 -2.43 27.09
CA TYR B 185 7.09 -1.25 26.33
C TYR B 185 8.50 -0.85 26.70
N ALA B 186 9.09 0.01 25.88
CA ALA B 186 10.46 0.48 26.10
C ALA B 186 11.42 -0.70 26.31
N ALA B 187 11.21 -1.76 25.53
CA ALA B 187 12.06 -2.94 25.47
C ALA B 187 11.98 -3.85 26.70
N SER B 188 11.87 -3.29 27.90
CA SER B 188 11.96 -4.08 29.12
C SER B 188 10.90 -3.79 30.16
N ARG B 189 10.07 -2.76 29.98
CA ARG B 189 9.14 -2.31 31.01
C ARG B 189 7.79 -3.02 30.88
N LEU B 190 7.36 -3.67 31.96
CA LEU B 190 6.08 -4.38 31.96
C LEU B 190 4.88 -3.45 32.15
N GLN B 191 3.83 -3.71 31.37
CA GLN B 191 2.55 -3.03 31.54
C GLN B 191 1.83 -3.56 32.78
N SER B 192 0.99 -2.70 33.37
CA SER B 192 0.26 -3.06 34.58
C SER B 192 -0.60 -4.29 34.40
N VAL B 194 0.32 -7.25 33.92
CA VAL B 194 1.03 -8.27 33.17
C VAL B 194 1.94 -9.03 34.15
N PRO B 195 1.98 -10.36 34.06
CA PRO B 195 2.65 -11.15 35.11
C PRO B 195 4.17 -11.08 35.06
N SER B 196 4.77 -11.45 36.20
CA SER B 196 6.23 -11.37 36.33
C SER B 196 6.94 -12.33 35.39
N ARG B 197 6.28 -13.41 34.98
CA ARG B 197 6.94 -14.42 34.15
C ARG B 197 7.35 -13.87 32.79
N PHE B 198 6.67 -12.83 32.32
CA PHE B 198 7.02 -12.17 31.08
C PHE B 198 8.20 -11.23 31.30
N SER B 199 9.14 -11.26 30.36
CA SER B 199 10.38 -10.50 30.50
C SER B 199 10.90 -10.10 29.13
N GLY B 200 11.29 -8.84 29.01
CA GLY B 200 11.85 -8.31 27.78
C GLY B 200 13.24 -7.74 28.01
N SER B 201 14.08 -7.83 26.99
CA SER B 201 15.45 -7.35 27.10
C SER B 201 15.97 -7.01 25.71
N GLY B 202 17.15 -6.42 25.66
CA GLY B 202 17.77 -6.02 24.43
C GLY B 202 17.70 -4.50 24.24
N SER B 203 18.63 -4.00 23.44
CA SER B 203 18.62 -2.61 23.02
C SER B 203 19.38 -2.50 21.71
N GLY B 204 19.15 -1.41 21.00
CA GLY B 204 19.85 -1.23 19.74
C GLY B 204 19.14 -1.90 18.59
N THR B 205 19.54 -3.14 18.28
CA THR B 205 19.02 -3.84 17.12
C THR B 205 18.53 -5.25 17.39
N ASP B 206 18.81 -5.84 18.56
CA ASP B 206 18.40 -7.20 18.87
C ASP B 206 17.62 -7.23 20.18
N PHE B 207 16.44 -7.84 20.15
CA PHE B 207 15.57 -7.91 21.32
C PHE B 207 15.03 -9.32 21.46
N THR B 208 14.76 -9.71 22.71
CA THR B 208 14.20 -11.02 22.96
C THR B 208 13.07 -10.88 23.97
N LEU B 209 11.95 -11.53 23.66
CA LEU B 209 10.84 -11.71 24.59
C LEU B 209 10.95 -13.09 25.20
N THR B 210 10.80 -13.15 26.53
CA THR B 210 11.00 -14.39 27.28
C THR B 210 9.79 -14.67 28.16
N ILE B 211 9.23 -15.88 28.06
CA ILE B 211 8.24 -16.36 29.02
C ILE B 211 8.94 -17.42 29.88
N SER B 212 9.10 -17.12 31.16
CA SER B 212 9.91 -17.97 32.02
C SER B 212 9.24 -19.33 32.25
N SER B 213 7.91 -19.37 32.31
CA SER B 213 7.21 -20.63 32.51
C SER B 213 5.86 -20.50 31.81
N LEU B 214 5.70 -21.19 30.70
CA LEU B 214 4.51 -21.04 29.88
C LEU B 214 3.27 -21.39 30.71
N GLN B 215 2.27 -20.50 30.68
CA GLN B 215 0.98 -20.79 31.28
C GLN B 215 -0.02 -21.13 30.20
N PRO B 216 -1.09 -21.87 30.53
CA PRO B 216 -2.04 -22.26 29.46
C PRO B 216 -2.66 -21.07 28.75
N GLU B 217 -2.94 -19.98 29.47
CA GLU B 217 -3.47 -18.78 28.83
C GLU B 217 -2.40 -17.98 28.10
N ASP B 218 -1.16 -18.48 28.06
CA ASP B 218 -0.06 -17.81 27.37
C ASP B 218 0.09 -18.26 25.93
N PHE B 219 -0.70 -19.25 25.50
CA PHE B 219 -0.65 -19.70 24.11
C PHE B 219 -1.36 -18.69 23.23
N ALA B 220 -0.60 -18.03 22.39
CA ALA B 220 -1.07 -16.83 21.71
C ALA B 220 -0.09 -16.50 20.58
N THR B 221 -0.39 -15.44 19.83
CA THR B 221 0.54 -14.91 18.85
C THR B 221 1.16 -13.62 19.37
N TYR B 222 2.47 -13.50 19.26
CA TYR B 222 3.16 -12.34 19.81
C TYR B 222 3.79 -11.53 18.68
N TYR B 223 3.75 -10.19 18.83
CA TYR B 223 4.29 -9.28 17.82
C TYR B 223 5.21 -8.28 18.49
N CYS B 224 6.34 -8.00 17.86
CA CYS B 224 7.13 -6.84 18.26
C CYS B 224 6.78 -5.64 17.36
N GLN B 225 7.09 -4.44 17.86
CA GLN B 225 6.80 -3.18 17.15
C GLN B 225 7.83 -2.14 17.57
N GLN B 226 8.50 -1.52 16.58
CA GLN B 226 9.41 -0.42 16.89
C GLN B 226 8.61 0.87 17.06
N SER B 227 8.94 1.64 18.11
CA SER B 227 8.30 2.93 18.38
C SER B 227 9.30 4.08 18.21
N TYR B 228 10.29 3.88 17.35
CA TYR B 228 11.40 4.81 17.17
C TYR B 228 11.19 5.77 16.01
N SER B 229 10.72 5.28 14.87
CA SER B 229 10.54 6.10 13.69
C SER B 229 9.19 5.83 13.04
N PHE B 230 8.57 6.89 12.50
CA PHE B 230 7.30 6.73 11.79
C PHE B 230 7.58 6.38 10.33
N PRO B 231 6.81 5.47 9.69
CA PRO B 231 5.60 4.78 10.15
C PRO B 231 5.91 3.64 11.12
N TRP B 232 5.02 3.39 12.07
CA TRP B 232 5.22 2.32 13.03
C TRP B 232 5.10 0.97 12.34
N THR B 233 6.08 0.10 12.58
CA THR B 233 6.17 -1.19 11.91
C THR B 233 6.29 -2.32 12.94
N PHE B 234 5.72 -3.47 12.58
CA PHE B 234 5.64 -4.65 13.42
C PHE B 234 6.41 -5.80 12.79
N GLY B 235 6.80 -6.76 13.63
CA GLY B 235 7.27 -8.03 13.11
C GLY B 235 6.11 -8.88 12.63
N GLN B 236 6.43 -9.95 11.87
CA GLN B 236 5.40 -10.81 11.31
C GLN B 236 4.65 -11.61 12.36
N GLY B 237 5.14 -11.64 13.60
CA GLY B 237 4.46 -12.38 14.63
C GLY B 237 5.14 -13.72 14.93
N THR B 238 4.96 -14.19 16.17
CA THR B 238 5.40 -15.51 16.62
C THR B 238 4.20 -16.25 17.18
N LYS B 239 3.74 -17.30 16.51
CA LYS B 239 2.60 -18.10 17.00
C LYS B 239 3.12 -19.18 17.96
N VAL B 240 2.59 -19.20 19.18
CA VAL B 240 2.96 -20.19 20.20
C VAL B 240 1.83 -21.22 20.29
N GLU B 241 2.04 -22.39 19.68
CA GLU B 241 1.07 -23.49 19.64
C GLU B 241 1.36 -24.58 20.68
N ILE B 242 0.33 -25.47 20.91
CA ILE B 242 0.36 -26.56 21.89
C ILE B 242 0.93 -27.83 21.26
N LYS B 243 1.59 -28.64 22.11
CA LYS B 243 2.15 -29.97 21.79
C LYS B 243 3.14 -30.38 22.88
#